data_4YV8
#
_entry.id   4YV8
#
_cell.length_a   56.717
_cell.length_b   56.717
_cell.length_c   130.365
_cell.angle_alpha   90.00
_cell.angle_beta   90.00
_cell.angle_gamma   90.00
#
_symmetry.space_group_name_H-M   'P 43 21 2'
#
loop_
_entity.id
_entity.type
_entity.pdbx_description
1 polymer 'Cathepsin K'
2 polymer Lichostatinal
3 non-polymer 'SULFATE ION'
4 water water
#
loop_
_entity_poly.entity_id
_entity_poly.type
_entity_poly.pdbx_seq_one_letter_code
_entity_poly.pdbx_strand_id
1 'polypeptide(L)'
;APDSVDYRKKGYVTPVKNQGQCGSCWAFSSVGALEGQLKKKTGKLLNLSPQNLVDCVSENDGCGGGYMTNAFQYVQKNRG
IDSEDAYPYVGQEESCMYNPTGKAAKCRGYREIPEGNEKALKRAVARVGPVSVAIDASLTSFQFYSKGVYYDESCNSDNL
NHAVLAVGYGIQKGNKHWIIKNSWGENWGNKGYILMARNKNNACGIANLASFPKM
;
A
2 'polypeptide(L)' (AG2)(URE)SV(RGL) B
#
loop_
_chem_comp.id
_chem_comp.type
_chem_comp.name
_chem_comp.formula
AG2 non-polymer AGMATINE 'C5 H14 N4'
SO4 non-polymer 'SULFATE ION' 'O4 S -2'
URE non-polymer UREA 'C H4 N2 O'
#
# COMPACT_ATOMS: atom_id res chain seq x y z
N ASP A 3 1.09 21.21 -7.68
CA ASP A 3 -0.31 20.79 -7.71
C ASP A 3 -0.43 19.27 -7.80
N SER A 4 0.64 18.63 -8.26
CA SER A 4 0.66 17.18 -8.39
C SER A 4 2.01 16.60 -7.97
N VAL A 5 2.07 15.28 -7.85
CA VAL A 5 3.29 14.60 -7.45
C VAL A 5 3.22 13.11 -7.76
N ASP A 6 4.31 12.58 -8.33
CA ASP A 6 4.37 11.17 -8.67
C ASP A 6 5.69 10.56 -8.24
N TYR A 7 5.66 9.89 -7.10
CA TYR A 7 6.83 9.28 -6.49
C TYR A 7 7.58 8.21 -7.30
N ARG A 8 6.94 7.67 -8.32
CA ARG A 8 7.54 6.70 -9.18
C ARG A 8 8.72 7.35 -9.90
N LYS A 9 8.51 8.58 -10.32
CA LYS A 9 9.55 9.35 -10.96
C LYS A 9 10.73 9.62 -10.07
N LYS A 10 10.53 9.60 -8.77
CA LYS A 10 11.53 9.96 -7.80
C LYS A 10 12.32 8.81 -7.18
N GLY A 11 12.07 7.60 -7.62
CA GLY A 11 12.76 6.45 -7.08
C GLY A 11 12.22 5.92 -5.79
N TYR A 12 11.05 6.36 -5.40
CA TYR A 12 10.45 5.98 -4.16
C TYR A 12 9.63 4.70 -4.27
N VAL A 13 9.48 4.21 -5.48
CA VAL A 13 8.59 3.11 -5.74
C VAL A 13 9.23 1.93 -6.45
N THR A 14 9.09 0.78 -5.87
CA THR A 14 9.54 -0.45 -6.43
C THR A 14 8.66 -1.00 -7.56
N PRO A 15 9.12 -2.01 -8.27
CA PRO A 15 8.31 -2.61 -9.33
C PRO A 15 7.05 -3.24 -8.75
N VAL A 16 6.04 -3.35 -9.57
CA VAL A 16 4.77 -3.91 -9.20
C VAL A 16 4.87 -5.41 -8.92
N LYS A 17 4.35 -5.81 -7.80
CA LYS A 17 4.34 -7.16 -7.34
C LYS A 17 3.03 -7.87 -7.58
N ASN A 18 3.06 -9.18 -7.42
CA ASN A 18 1.88 -9.97 -7.56
C ASN A 18 1.66 -10.86 -6.36
N GLN A 19 0.56 -10.67 -5.66
CA GLN A 19 0.23 -11.46 -4.51
C GLN A 19 -0.10 -12.93 -4.78
N GLY A 20 -0.47 -13.27 -6.01
CA GLY A 20 -0.87 -14.62 -6.31
C GLY A 20 -2.13 -15.05 -5.60
N GLN A 21 -2.24 -16.30 -5.21
CA GLN A 21 -3.41 -16.80 -4.50
C GLN A 21 -3.31 -16.66 -2.99
N CYS A 22 -3.25 -15.43 -2.52
CA CYS A 22 -3.07 -15.12 -1.13
C CYS A 22 -3.61 -13.73 -0.86
N GLY A 23 -4.42 -13.59 0.16
CA GLY A 23 -4.98 -12.30 0.44
C GLY A 23 -4.06 -11.45 1.25
N SER A 24 -2.89 -11.18 0.72
CA SER A 24 -1.83 -10.45 1.39
C SER A 24 -1.65 -8.99 0.92
N CYS A 25 -2.71 -8.42 0.40
CA CYS A 25 -2.68 -7.09 -0.14
C CYS A 25 -2.16 -6.11 0.90
N TRP A 26 -2.54 -6.31 2.14
CA TRP A 26 -2.09 -5.48 3.24
C TRP A 26 -0.56 -5.49 3.40
N ALA A 27 0.05 -6.65 3.22
CA ALA A 27 1.47 -6.79 3.29
C ALA A 27 2.22 -6.04 2.21
N PHE A 28 1.71 -6.13 1.00
CA PHE A 28 2.25 -5.42 -0.11
C PHE A 28 2.13 -3.90 0.09
N SER A 29 1.00 -3.44 0.58
CA SER A 29 0.77 -2.06 0.89
C SER A 29 1.75 -1.52 1.97
N SER A 30 1.89 -2.27 3.03
CA SER A 30 2.78 -1.94 4.11
C SER A 30 4.26 -1.84 3.64
N VAL A 31 4.70 -2.84 2.92
CA VAL A 31 6.07 -2.84 2.45
C VAL A 31 6.26 -1.68 1.49
N GLY A 32 5.25 -1.38 0.70
CA GLY A 32 5.33 -0.27 -0.20
C GLY A 32 5.52 1.05 0.52
N ALA A 33 4.77 1.31 1.58
CA ALA A 33 4.97 2.49 2.35
C ALA A 33 6.37 2.54 3.00
N LEU A 34 6.81 1.42 3.51
CA LEU A 34 8.10 1.27 4.13
C LEU A 34 9.24 1.54 3.12
N GLU A 35 9.08 1.05 1.92
CA GLU A 35 10.03 1.23 0.88
C GLU A 35 10.17 2.72 0.54
N GLY A 36 9.04 3.41 0.45
CA GLY A 36 9.06 4.82 0.19
C GLY A 36 9.79 5.63 1.26
N GLN A 37 9.54 5.32 2.50
CA GLN A 37 10.27 5.92 3.58
C GLN A 37 11.78 5.58 3.61
N LEU A 38 12.12 4.38 3.20
CA LEU A 38 13.48 3.96 3.15
C LEU A 38 14.23 4.86 2.16
N LYS A 39 13.68 5.10 1.00
CA LYS A 39 14.30 5.96 0.03
C LYS A 39 14.43 7.37 0.57
N LYS A 40 13.38 7.85 1.18
CA LYS A 40 13.37 9.20 1.64
C LYS A 40 14.39 9.45 2.74
N LYS A 41 14.42 8.58 3.73
CA LYS A 41 15.38 8.64 4.80
C LYS A 41 16.85 8.32 4.47
N THR A 42 17.08 7.28 3.70
CA THR A 42 18.43 6.84 3.37
C THR A 42 18.97 7.17 1.99
N GLY A 43 18.11 7.64 1.12
CA GLY A 43 18.44 7.95 -0.24
C GLY A 43 18.38 6.78 -1.21
N LYS A 44 18.10 5.60 -0.71
CA LYS A 44 17.94 4.43 -1.54
C LYS A 44 16.95 3.46 -0.94
N LEU A 45 16.43 2.58 -1.64
CA LEU A 45 15.52 1.53 -1.28
C LEU A 45 15.92 0.21 -1.89
N LEU A 46 15.13 -0.79 -1.42
CA LEU A 46 15.08 -2.11 -2.02
C LEU A 46 13.77 -2.81 -1.70
N ASN A 47 13.53 -3.92 -2.36
CA ASN A 47 12.31 -4.65 -2.14
C ASN A 47 12.36 -5.19 -0.73
N LEU A 48 11.40 -4.79 0.09
CA LEU A 48 11.17 -5.41 1.37
C LEU A 48 10.25 -6.62 1.31
N SER A 49 10.25 -7.42 2.34
CA SER A 49 9.55 -8.64 2.26
C SER A 49 8.20 -8.76 2.89
N PRO A 50 7.21 -8.87 2.04
CA PRO A 50 5.85 -9.07 2.45
C PRO A 50 5.66 -10.39 3.20
N GLN A 51 6.42 -11.43 2.84
CA GLN A 51 6.27 -12.71 3.54
C GLN A 51 6.50 -12.54 5.04
N ASN A 52 7.58 -11.83 5.36
CA ASN A 52 8.03 -11.53 6.69
C ASN A 52 6.78 -11.06 7.45
N LEU A 53 6.05 -10.14 6.88
CA LEU A 53 4.78 -9.72 7.47
C LEU A 53 3.68 -10.80 7.52
N VAL A 54 3.48 -11.52 6.43
CA VAL A 54 2.46 -12.54 6.38
C VAL A 54 2.71 -13.55 7.49
N ASP A 55 3.93 -14.06 7.57
CA ASP A 55 4.29 -15.08 8.55
C ASP A 55 4.60 -14.64 9.98
N CYS A 56 4.85 -13.35 10.18
CA CYS A 56 5.16 -12.85 11.50
C CYS A 56 4.24 -11.88 12.22
N VAL A 57 3.30 -11.29 11.51
CA VAL A 57 2.38 -10.36 12.11
C VAL A 57 1.20 -11.13 12.64
N SER A 58 1.37 -11.60 13.85
CA SER A 58 0.36 -12.42 14.47
C SER A 58 -0.98 -11.70 14.68
N GLU A 59 -0.96 -10.40 14.83
CA GLU A 59 -2.18 -9.62 14.99
C GLU A 59 -3.05 -9.64 13.69
N ASN A 60 -2.45 -10.04 12.60
CA ASN A 60 -3.09 -10.18 11.33
C ASN A 60 -3.40 -11.66 10.98
N ASP A 61 -4.02 -11.87 9.84
CA ASP A 61 -4.53 -13.15 9.43
C ASP A 61 -3.80 -13.75 8.22
N GLY A 62 -2.55 -13.39 8.01
CA GLY A 62 -1.81 -13.97 6.92
C GLY A 62 -2.45 -13.72 5.56
N CYS A 63 -2.71 -14.80 4.85
CA CYS A 63 -3.35 -14.79 3.56
C CYS A 63 -4.84 -14.50 3.69
N GLY A 64 -5.28 -14.40 4.91
CA GLY A 64 -6.65 -14.09 5.19
C GLY A 64 -6.94 -12.62 5.41
N GLY A 65 -5.97 -11.76 5.25
CA GLY A 65 -6.19 -10.37 5.53
C GLY A 65 -5.50 -9.79 6.75
N GLY A 66 -5.33 -8.49 6.74
CA GLY A 66 -4.62 -7.81 7.79
C GLY A 66 -4.70 -6.30 7.72
N TYR A 67 -4.22 -5.65 8.75
CA TYR A 67 -4.12 -4.24 8.81
C TYR A 67 -2.70 -3.77 8.65
N MET A 68 -2.53 -2.73 7.86
CA MET A 68 -1.22 -2.14 7.64
C MET A 68 -0.61 -1.59 8.96
N THR A 69 -1.43 -1.02 9.81
CA THR A 69 -0.98 -0.48 11.03
C THR A 69 -0.37 -1.60 11.90
N ASN A 70 -0.99 -2.77 11.95
CA ASN A 70 -0.44 -3.89 12.66
C ASN A 70 0.94 -4.24 12.09
N ALA A 71 1.09 -4.15 10.78
CA ALA A 71 2.40 -4.39 10.18
C ALA A 71 3.49 -3.41 10.62
N PHE A 72 3.17 -2.13 10.60
CA PHE A 72 4.08 -1.08 11.01
C PHE A 72 4.50 -1.28 12.48
N GLN A 73 3.54 -1.62 13.30
CA GLN A 73 3.75 -1.94 14.69
C GLN A 73 4.70 -3.13 14.84
N TYR A 74 4.50 -4.17 14.06
CA TYR A 74 5.37 -5.30 14.15
C TYR A 74 6.80 -4.89 13.81
N VAL A 75 7.00 -4.16 12.75
CA VAL A 75 8.32 -3.79 12.34
C VAL A 75 9.04 -3.00 13.43
N GLN A 76 8.33 -2.10 14.05
CA GLN A 76 8.90 -1.40 15.17
C GLN A 76 9.25 -2.30 16.36
N LYS A 77 8.32 -3.10 16.79
CA LYS A 77 8.55 -3.96 17.91
C LYS A 77 9.69 -4.97 17.63
N ASN A 78 9.73 -5.50 16.44
CA ASN A 78 10.71 -6.44 15.99
C ASN A 78 12.09 -5.85 15.76
N ARG A 79 12.17 -4.53 15.74
CA ARG A 79 13.36 -3.82 15.41
C ARG A 79 13.88 -4.13 14.01
N GLY A 80 12.99 -4.47 13.10
CA GLY A 80 13.36 -4.59 11.72
C GLY A 80 12.44 -5.41 10.84
N ILE A 81 12.60 -5.22 9.54
CA ILE A 81 12.03 -6.06 8.52
C ILE A 81 13.10 -6.50 7.50
N ASP A 82 13.01 -7.73 7.06
CA ASP A 82 13.88 -8.34 6.07
C ASP A 82 13.69 -7.83 4.65
N SER A 83 14.73 -7.92 3.87
CA SER A 83 14.67 -7.70 2.47
C SER A 83 13.92 -8.85 1.82
N GLU A 84 13.38 -8.61 0.64
CA GLU A 84 12.69 -9.63 -0.11
C GLU A 84 13.67 -10.79 -0.37
N ASP A 85 14.88 -10.44 -0.73
CA ASP A 85 15.86 -11.41 -1.12
C ASP A 85 16.17 -12.29 0.05
N ALA A 86 16.21 -11.69 1.20
CA ALA A 86 16.37 -12.36 2.48
C ALA A 86 15.24 -13.26 2.93
N TYR A 87 14.01 -12.92 2.62
CA TYR A 87 12.86 -13.63 3.06
C TYR A 87 11.84 -13.62 1.95
N PRO A 88 12.02 -14.44 0.93
CA PRO A 88 11.22 -14.34 -0.31
C PRO A 88 9.76 -14.73 -0.18
N TYR A 89 8.95 -14.18 -1.08
CA TYR A 89 7.52 -14.38 -1.05
C TYR A 89 7.14 -15.66 -1.71
N VAL A 90 6.38 -16.46 -1.01
CA VAL A 90 5.90 -17.72 -1.53
C VAL A 90 4.40 -17.87 -1.68
N GLY A 91 3.62 -16.86 -1.32
CA GLY A 91 2.22 -16.91 -1.56
C GLY A 91 1.42 -17.86 -0.71
N GLN A 92 1.95 -18.20 0.44
CA GLN A 92 1.20 -18.90 1.46
C GLN A 92 1.88 -18.64 2.77
N GLU A 93 1.14 -18.68 3.83
CA GLU A 93 1.70 -18.41 5.12
C GLU A 93 2.45 -19.59 5.63
N GLU A 94 3.57 -19.31 6.21
CA GLU A 94 4.49 -20.27 6.76
C GLU A 94 4.91 -19.77 8.14
N SER A 95 5.80 -20.50 8.78
CA SER A 95 6.25 -20.16 10.09
C SER A 95 7.16 -18.97 10.06
N CYS A 96 7.24 -18.25 11.15
CA CYS A 96 8.03 -17.05 11.15
C CYS A 96 9.48 -17.45 11.05
N MET A 97 10.13 -16.95 10.02
CA MET A 97 11.54 -17.13 9.83
C MET A 97 12.33 -15.82 9.67
N TYR A 98 11.98 -14.81 10.42
CA TYR A 98 12.69 -13.55 10.35
C TYR A 98 14.16 -13.73 10.74
N ASN A 99 15.03 -13.05 10.03
CA ASN A 99 16.46 -13.08 10.30
C ASN A 99 17.09 -11.69 10.35
N PRO A 100 17.65 -11.37 11.49
CA PRO A 100 18.22 -10.07 11.69
C PRO A 100 19.36 -9.77 10.74
N THR A 101 20.03 -10.79 10.22
CA THR A 101 21.08 -10.59 9.27
C THR A 101 20.54 -9.91 8.03
N GLY A 102 19.28 -10.19 7.72
CA GLY A 102 18.62 -9.68 6.56
C GLY A 102 17.93 -8.35 6.68
N LYS A 103 17.99 -7.74 7.84
CA LYS A 103 17.24 -6.55 8.14
C LYS A 103 17.61 -5.46 7.15
N ALA A 104 16.60 -4.90 6.48
CA ALA A 104 16.79 -3.87 5.48
C ALA A 104 16.07 -2.54 5.75
N ALA A 105 15.21 -2.53 6.74
CA ALA A 105 14.60 -1.32 7.19
C ALA A 105 14.10 -1.40 8.62
N LYS A 106 13.83 -0.26 9.19
CA LYS A 106 13.27 -0.14 10.51
C LYS A 106 12.13 0.83 10.52
N CYS A 107 11.36 0.79 11.58
CA CYS A 107 10.20 1.62 11.78
C CYS A 107 10.07 2.12 13.23
N ARG A 108 9.87 3.40 13.42
CA ARG A 108 9.74 3.98 14.75
C ARG A 108 8.29 4.34 15.10
N GLY A 109 7.35 3.70 14.44
CA GLY A 109 5.94 3.95 14.65
C GLY A 109 5.14 4.26 13.39
N TYR A 110 3.94 4.78 13.57
CA TYR A 110 3.07 5.12 12.48
C TYR A 110 2.04 6.20 12.80
N ARG A 111 1.45 6.74 11.75
CA ARG A 111 0.35 7.67 11.85
C ARG A 111 -0.80 7.32 10.93
N GLU A 112 -2.01 7.53 11.40
CA GLU A 112 -3.21 7.34 10.60
C GLU A 112 -3.76 8.65 10.16
N ILE A 113 -4.15 8.71 8.93
CA ILE A 113 -4.84 9.82 8.38
C ILE A 113 -6.23 9.92 8.99
N PRO A 114 -6.68 11.13 9.26
CA PRO A 114 -8.02 11.35 9.80
C PRO A 114 -9.07 10.78 8.88
N GLU A 115 -9.97 10.02 9.46
CA GLU A 115 -10.87 9.20 8.68
C GLU A 115 -11.75 10.00 7.75
N GLY A 116 -11.70 9.67 6.47
CA GLY A 116 -12.49 10.34 5.46
C GLY A 116 -11.96 11.65 4.86
N ASN A 117 -10.87 12.13 5.39
CA ASN A 117 -10.33 13.39 4.98
C ASN A 117 -9.32 13.30 3.84
N GLU A 118 -9.80 13.57 2.63
CA GLU A 118 -8.94 13.57 1.45
C GLU A 118 -7.88 14.68 1.48
N LYS A 119 -8.20 15.82 2.09
CA LYS A 119 -7.26 16.91 2.15
C LYS A 119 -6.06 16.51 2.97
N ALA A 120 -6.32 15.89 4.09
CA ALA A 120 -5.30 15.34 4.95
C ALA A 120 -4.45 14.24 4.24
N LEU A 121 -5.11 13.45 3.44
CA LEU A 121 -4.42 12.45 2.67
C LEU A 121 -3.47 13.09 1.66
N LYS A 122 -3.92 14.12 0.97
CA LYS A 122 -3.09 14.80 0.02
C LYS A 122 -1.89 15.38 0.73
N ARG A 123 -2.11 15.97 1.89
CA ARG A 123 -1.04 16.57 2.65
C ARG A 123 -0.03 15.49 3.06
N ALA A 124 -0.51 14.35 3.48
CA ALA A 124 0.35 13.24 3.82
C ALA A 124 1.16 12.73 2.63
N VAL A 125 0.56 12.58 1.47
CA VAL A 125 1.31 12.14 0.32
C VAL A 125 2.40 13.16 -0.04
N ALA A 126 2.09 14.43 0.00
CA ALA A 126 3.06 15.50 -0.28
C ALA A 126 4.21 15.57 0.70
N ARG A 127 3.87 15.48 1.96
CA ARG A 127 4.79 15.69 3.03
C ARG A 127 5.55 14.49 3.55
N VAL A 128 5.00 13.32 3.34
CA VAL A 128 5.61 12.08 3.73
C VAL A 128 6.14 11.28 2.58
N GLY A 129 5.30 10.99 1.62
CA GLY A 129 5.59 10.15 0.48
C GLY A 129 4.45 9.14 0.32
N PRO A 130 4.71 7.99 -0.28
CA PRO A 130 3.65 7.00 -0.49
C PRO A 130 2.94 6.59 0.81
N VAL A 131 1.63 6.49 0.74
CA VAL A 131 0.78 6.20 1.86
C VAL A 131 -0.04 4.91 1.67
N SER A 132 -0.08 4.06 2.67
CA SER A 132 -0.90 2.88 2.64
C SER A 132 -2.37 3.28 2.76
N VAL A 133 -3.18 2.74 1.88
CA VAL A 133 -4.60 2.92 1.89
C VAL A 133 -5.42 1.63 1.70
N ALA A 134 -6.67 1.67 2.09
CA ALA A 134 -7.62 0.65 1.75
C ALA A 134 -8.88 1.12 1.02
N ILE A 135 -9.34 0.30 0.11
CA ILE A 135 -10.45 0.60 -0.74
C ILE A 135 -11.40 -0.57 -0.99
N ASP A 136 -12.55 -0.26 -1.57
CA ASP A 136 -13.43 -1.24 -2.10
C ASP A 136 -12.97 -1.54 -3.52
N ALA A 137 -12.39 -2.70 -3.69
CA ALA A 137 -11.94 -3.19 -4.97
C ALA A 137 -12.78 -4.31 -5.61
N SER A 138 -13.95 -4.51 -5.04
CA SER A 138 -14.88 -5.56 -5.39
C SER A 138 -15.65 -5.43 -6.72
N LEU A 139 -15.81 -4.21 -7.20
CA LEU A 139 -16.58 -4.00 -8.41
C LEU A 139 -15.93 -4.58 -9.65
N THR A 140 -16.77 -5.01 -10.58
CA THR A 140 -16.30 -5.55 -11.81
C THR A 140 -15.52 -4.51 -12.53
N SER A 141 -16.03 -3.29 -12.53
CA SER A 141 -15.42 -2.18 -13.21
C SER A 141 -14.00 -1.79 -12.70
N PHE A 142 -13.78 -1.91 -11.40
CA PHE A 142 -12.45 -1.68 -10.87
C PHE A 142 -11.50 -2.73 -11.44
N GLN A 143 -11.91 -3.96 -11.38
CA GLN A 143 -11.11 -5.09 -11.74
C GLN A 143 -10.69 -5.11 -13.21
N PHE A 144 -11.56 -4.70 -14.10
CA PHE A 144 -11.19 -4.65 -15.51
C PHE A 144 -10.61 -3.30 -15.95
N TYR A 145 -10.29 -2.47 -14.99
CA TYR A 145 -9.72 -1.19 -15.28
C TYR A 145 -8.49 -1.25 -16.18
N SER A 146 -8.40 -0.33 -17.10
CA SER A 146 -7.21 -0.15 -17.92
C SER A 146 -6.65 1.25 -18.14
N LYS A 147 -7.50 2.24 -18.13
CA LYS A 147 -7.12 3.60 -18.36
C LYS A 147 -8.14 4.63 -17.89
N GLY A 148 -7.68 5.85 -17.78
CA GLY A 148 -8.48 6.95 -17.33
C GLY A 148 -8.51 7.08 -15.84
N VAL A 149 -9.40 7.92 -15.33
CA VAL A 149 -9.52 8.16 -13.92
C VAL A 149 -10.76 7.43 -13.46
N TYR A 150 -10.57 6.43 -12.65
CA TYR A 150 -11.65 5.58 -12.28
C TYR A 150 -12.62 6.20 -11.32
N TYR A 151 -13.89 6.19 -11.70
CA TYR A 151 -14.98 6.52 -10.81
C TYR A 151 -16.23 5.69 -11.10
N ASP A 152 -16.75 5.06 -10.07
CA ASP A 152 -17.98 4.31 -10.13
C ASP A 152 -18.77 4.53 -8.85
N GLU A 153 -19.94 5.13 -8.95
CA GLU A 153 -20.67 5.57 -7.80
C GLU A 153 -21.08 4.44 -6.90
N SER A 154 -21.22 3.26 -7.43
CA SER A 154 -21.62 2.15 -6.62
C SER A 154 -20.51 1.62 -5.74
N CYS A 155 -19.31 2.17 -5.85
CA CYS A 155 -18.22 1.74 -5.03
C CYS A 155 -18.57 2.03 -3.58
N ASN A 156 -18.35 1.08 -2.71
CA ASN A 156 -18.75 1.22 -1.33
C ASN A 156 -17.62 1.55 -0.34
N SER A 157 -17.67 2.78 0.17
CA SER A 157 -16.70 3.36 1.07
C SER A 157 -16.70 2.71 2.43
N ASP A 158 -17.71 1.93 2.70
CA ASP A 158 -17.76 1.22 3.92
C ASP A 158 -17.39 -0.26 3.79
N ASN A 159 -16.86 -0.64 2.65
CA ASN A 159 -16.48 -2.00 2.35
C ASN A 159 -15.04 -2.00 1.89
N LEU A 160 -14.13 -1.85 2.83
CA LEU A 160 -12.73 -1.73 2.53
C LEU A 160 -12.08 -3.09 2.42
N ASN A 161 -12.21 -3.76 1.30
CA ASN A 161 -11.76 -5.13 1.18
C ASN A 161 -10.36 -5.35 0.58
N HIS A 162 -9.78 -4.26 0.13
CA HIS A 162 -8.53 -4.33 -0.58
C HIS A 162 -7.53 -3.19 -0.26
N ALA A 163 -6.35 -3.55 0.23
CA ALA A 163 -5.29 -2.61 0.54
C ALA A 163 -4.36 -2.33 -0.65
N VAL A 164 -4.00 -1.08 -0.83
CA VAL A 164 -3.18 -0.60 -1.92
C VAL A 164 -2.31 0.57 -1.48
N LEU A 165 -1.57 1.16 -2.38
CA LEU A 165 -0.65 2.23 -2.05
C LEU A 165 -0.78 3.49 -2.93
N ALA A 166 -1.00 4.62 -2.30
CA ALA A 166 -1.09 5.89 -2.99
C ALA A 166 0.32 6.45 -3.17
N VAL A 167 0.82 6.43 -4.39
CA VAL A 167 2.14 6.87 -4.72
C VAL A 167 2.19 8.25 -5.33
N GLY A 168 1.07 8.91 -5.37
CA GLY A 168 0.99 10.26 -5.86
C GLY A 168 -0.41 10.78 -6.08
N TYR A 169 -0.49 11.97 -6.64
CA TYR A 169 -1.73 12.59 -7.00
C TYR A 169 -1.52 13.62 -8.10
N GLY A 170 -2.61 13.94 -8.76
CA GLY A 170 -2.61 14.71 -9.97
C GLY A 170 -3.94 14.98 -10.59
N ILE A 171 -3.88 15.33 -11.86
CA ILE A 171 -5.08 15.54 -12.63
C ILE A 171 -4.89 15.05 -14.06
N GLN A 172 -5.93 14.53 -14.67
CA GLN A 172 -5.88 14.09 -16.05
C GLN A 172 -7.16 14.48 -16.75
N LYS A 173 -7.02 15.24 -17.83
CA LYS A 173 -8.13 15.81 -18.59
C LYS A 173 -9.18 16.40 -17.69
N GLY A 174 -8.75 17.14 -16.70
CA GLY A 174 -9.63 17.78 -15.76
C GLY A 174 -10.20 16.94 -14.66
N ASN A 175 -9.87 15.66 -14.62
CA ASN A 175 -10.34 14.84 -13.54
C ASN A 175 -9.22 14.63 -12.52
N LYS A 176 -9.40 15.10 -11.32
CA LYS A 176 -8.42 14.97 -10.25
C LYS A 176 -8.32 13.53 -9.80
N HIS A 177 -7.12 13.10 -9.43
CA HIS A 177 -6.89 11.72 -9.12
C HIS A 177 -5.78 11.44 -8.11
N TRP A 178 -5.80 10.21 -7.65
CA TRP A 178 -4.79 9.62 -6.85
C TRP A 178 -4.07 8.61 -7.75
N ILE A 179 -2.76 8.52 -7.65
CA ILE A 179 -2.03 7.49 -8.35
C ILE A 179 -1.88 6.30 -7.40
N ILE A 180 -2.39 5.15 -7.83
CA ILE A 180 -2.49 3.96 -6.98
C ILE A 180 -1.75 2.72 -7.50
N LYS A 181 -0.83 2.22 -6.70
CA LYS A 181 -0.07 1.01 -6.93
C LYS A 181 -0.81 -0.18 -6.34
N ASN A 182 -1.16 -1.11 -7.19
CA ASN A 182 -1.85 -2.35 -6.82
C ASN A 182 -0.85 -3.51 -6.69
N SER A 183 -1.33 -4.65 -6.18
CA SER A 183 -0.50 -5.84 -6.00
C SER A 183 -1.08 -7.04 -6.74
N TRP A 184 -1.48 -6.83 -7.98
CA TRP A 184 -2.04 -7.84 -8.82
C TRP A 184 -1.20 -8.13 -10.07
N GLY A 185 0.06 -7.79 -10.03
CA GLY A 185 0.96 -7.96 -11.14
C GLY A 185 0.97 -6.75 -12.05
N GLU A 186 2.02 -6.67 -12.81
CA GLU A 186 2.18 -5.63 -13.81
C GLU A 186 1.13 -5.74 -14.90
N ASN A 187 0.61 -6.93 -15.08
CA ASN A 187 -0.44 -7.25 -16.03
C ASN A 187 -1.79 -6.56 -15.82
N TRP A 188 -2.11 -6.24 -14.57
CA TRP A 188 -3.36 -5.63 -14.20
C TRP A 188 -3.39 -4.14 -14.45
N GLY A 189 -4.54 -3.59 -14.76
CA GLY A 189 -4.69 -2.17 -14.88
C GLY A 189 -3.73 -1.52 -15.84
N ASN A 190 -3.21 -0.35 -15.52
CA ASN A 190 -2.15 0.27 -16.30
C ASN A 190 -0.77 -0.01 -15.77
N LYS A 191 -0.21 -1.10 -16.23
CA LYS A 191 1.08 -1.59 -15.77
C LYS A 191 1.15 -1.77 -14.24
N GLY A 192 0.07 -2.25 -13.67
CA GLY A 192 -0.11 -2.51 -12.28
C GLY A 192 -0.72 -1.41 -11.43
N TYR A 193 -0.90 -0.27 -12.08
CA TYR A 193 -1.41 0.92 -11.47
C TYR A 193 -2.84 1.28 -11.92
N ILE A 194 -3.49 2.08 -11.11
CA ILE A 194 -4.76 2.68 -11.45
C ILE A 194 -4.85 4.13 -10.96
N LEU A 195 -5.46 4.97 -11.77
CA LEU A 195 -5.76 6.33 -11.36
C LEU A 195 -7.15 6.35 -10.77
N MET A 196 -7.26 6.75 -9.53
CA MET A 196 -8.51 6.76 -8.84
C MET A 196 -9.03 8.16 -8.50
N ALA A 197 -10.32 8.37 -8.62
CA ALA A 197 -10.88 9.71 -8.52
C ALA A 197 -10.62 10.34 -7.15
N ARG A 198 -10.22 11.60 -7.17
CA ARG A 198 -9.88 12.37 -5.98
C ARG A 198 -10.76 13.59 -5.74
N ASN A 199 -11.12 13.86 -4.51
CA ASN A 199 -12.07 14.90 -4.18
C ASN A 199 -13.45 14.67 -4.81
N LYS A 200 -13.88 13.44 -4.84
CA LYS A 200 -15.19 13.07 -5.27
C LYS A 200 -15.83 12.27 -4.16
N ASN A 201 -16.00 12.94 -3.04
CA ASN A 201 -16.63 12.35 -1.90
C ASN A 201 -16.00 11.02 -1.46
N ASN A 202 -14.69 11.00 -1.32
CA ASN A 202 -14.01 9.87 -0.75
C ASN A 202 -14.35 8.58 -1.49
N ALA A 203 -14.28 8.60 -2.79
CA ALA A 203 -14.71 7.49 -3.61
C ALA A 203 -13.94 6.21 -3.29
N CYS A 204 -14.70 5.16 -3.14
CA CYS A 204 -14.18 3.83 -2.88
C CYS A 204 -13.54 3.76 -1.49
N GLY A 205 -13.75 4.77 -0.69
CA GLY A 205 -13.23 4.87 0.65
C GLY A 205 -11.74 5.12 0.82
N ILE A 206 -11.18 5.82 -0.13
CA ILE A 206 -9.76 5.98 -0.30
C ILE A 206 -9.11 6.60 0.93
N ALA A 207 -9.80 7.48 1.62
CA ALA A 207 -9.29 8.10 2.80
C ALA A 207 -9.80 7.51 4.11
N ASN A 208 -10.49 6.40 4.05
CA ASN A 208 -11.01 5.78 5.23
C ASN A 208 -10.07 5.05 6.19
N LEU A 209 -8.99 4.53 5.65
CA LEU A 209 -8.10 3.70 6.35
C LEU A 209 -6.66 3.91 5.84
N ALA A 210 -6.19 5.12 5.98
CA ALA A 210 -4.91 5.52 5.47
C ALA A 210 -3.89 5.72 6.56
N SER A 211 -2.70 5.23 6.30
CA SER A 211 -1.62 5.29 7.22
C SER A 211 -0.23 5.30 6.58
N PHE A 212 0.72 5.75 7.36
CA PHE A 212 2.10 5.74 7.00
C PHE A 212 3.04 5.43 8.15
N PRO A 213 4.18 4.80 7.83
CA PRO A 213 5.19 4.51 8.84
C PRO A 213 6.17 5.63 9.08
N LYS A 214 6.63 5.73 10.31
CA LYS A 214 7.62 6.65 10.74
C LYS A 214 8.98 5.96 10.75
N MET A 215 9.96 6.64 10.24
CA MET A 215 11.30 6.12 10.14
C MET A 215 12.41 7.06 10.59
CA AG2 B 1 -12.78 -3.10 7.75
CB AG2 B 1 -12.73 -1.63 7.96
CG AG2 B 1 -12.41 -1.26 9.40
CD AG2 B 1 -13.66 -0.70 10.07
NE AG2 B 1 -13.58 0.71 9.82
CZ AG2 B 1 -12.78 1.48 10.72
NH1 AG2 B 1 -12.64 2.86 10.46
NH2 AG2 B 1 -12.17 0.88 11.72
C URE B 2 -12.61 -5.52 6.90
O URE B 2 -11.94 -5.94 7.80
N1 URE B 2 -12.91 -4.15 6.76
N SER B 3 -12.73 -6.50 5.82
CA SER B 3 -11.86 -7.59 5.38
C SER B 3 -10.84 -7.10 4.36
N VAL B 4 -9.68 -6.68 4.84
CA VAL B 4 -8.63 -6.19 3.96
C VAL B 4 -7.67 -7.31 3.57
N RGL B 5 -7.75 -7.82 2.22
CA RGL B 5 -6.91 -8.86 1.73
C RGL B 5 -6.03 -8.33 0.65
O RGL B 5 -5.52 -9.00 -0.22
CB RGL B 5 -7.77 -10.02 1.25
CG RGL B 5 -8.30 -10.79 2.45
CD RGL B 5 -9.22 -11.90 1.97
NE RGL B 5 -8.41 -12.99 1.39
CZ RGL B 5 -8.82 -14.19 1.44
NH1 RGL B 5 -8.06 -15.15 0.90
NH2 RGL B 5 -9.96 -14.52 2.02
S SO4 C . 6.76 13.18 14.56
O1 SO4 C . 5.45 13.80 14.75
O2 SO4 C . 7.78 14.00 15.23
O3 SO4 C . 7.04 13.10 13.14
O4 SO4 C . 6.76 11.84 15.13
S SO4 D . -7.57 -9.59 -3.07
O1 SO4 D . -6.38 -9.00 -3.71
O2 SO4 D . -8.40 -8.51 -2.49
O3 SO4 D . -7.15 -10.52 -2.00
O4 SO4 D . -8.37 -10.33 -4.08
S SO4 E . -8.62 20.15 6.45
O1 SO4 E . -7.76 20.23 5.28
O2 SO4 E . -8.22 21.17 7.42
O3 SO4 E . -8.49 18.83 7.06
O4 SO4 E . -10.01 20.38 6.04
#